data_8D39
#
_entry.id   8D39
#
_cell.length_a   41.165
_cell.length_b   51.387
_cell.length_c   79.229
_cell.angle_alpha   90.000
_cell.angle_beta   92.000
_cell.angle_gamma   90.000
#
_symmetry.space_group_name_H-M   'P 1 21 1'
#
loop_
_entity.id
_entity.type
_entity.pdbx_description
1 polymer 'Cytochrome P450'
2 non-polymer '4-benzoylbenzoic acid'
3 non-polymer 'PROTOPORPHYRIN IX CONTAINING FE'
4 non-polymer 'CHLORIDE ION'
5 non-polymer 'MAGNESIUM ION'
6 water water
#
_entity_poly.entity_id   1
_entity_poly.type   'polypeptide(L)'
_entity_poly.pdbx_seq_one_letter_code
;MISNSSAESISAPPNDSTIPHLAIDPFSLDFFDDPYPDQQTLRDAGPVVYLDKWNVYGVARYAEVHAVLNDPTTFCSSRG
VGLSDFKKEKPWRPPSLILEADPPAHTRPRAVLSKVLSPATMKTIRDGFAAAADAKVDELLQRGCIDAIADLAEAYPLSV
FPDAMGLKQEGREHLLPYAGLVFNAFGPPNELRQTAIERSAPHQAYVNEQCQRPNLAPGGFGACIHAFTDTGEITPDEAP
LLVRSLLSAGLDTTVNGIGAAVYCLARFPGELQRLRSDPTLARNAFEEAVRFESPVQTFFRTTTREVELGGAVIGEGEKV
LMFLGSANRDPRRWSDPDLYDITRKTSGHVGFGSGVHMCVGQLVARLEGEVMLSALARKVAAIDIDGPVKRRFNNTLRGL
ESLPVKLTPA
;
_entity_poly.pdbx_strand_id   A
#
loop_
_chem_comp.id
_chem_comp.type
_chem_comp.name
_chem_comp.formula
CL non-polymer 'CHLORIDE ION' 'Cl -1'
HEM non-polymer 'PROTOPORPHYRIN IX CONTAINING FE' 'C34 H32 Fe N4 O4'
MG non-polymer 'MAGNESIUM ION' 'Mg 2'
QDB non-polymer '4-benzoylbenzoic acid' 'C14 H10 O3'
#
# COMPACT_ATOMS: atom_id res chain seq x y z
N THR A 18 -5.34 30.62 -13.41
CA THR A 18 -5.76 29.49 -14.25
C THR A 18 -5.94 28.22 -13.43
N ILE A 19 -5.03 28.00 -12.48
CA ILE A 19 -5.10 26.81 -11.62
C ILE A 19 -5.93 27.16 -10.39
N PRO A 20 -6.97 26.39 -10.08
CA PRO A 20 -7.78 26.70 -8.90
C PRO A 20 -7.03 26.42 -7.61
N HIS A 21 -7.21 27.29 -6.63
CA HIS A 21 -6.62 27.15 -5.32
C HIS A 21 -7.67 26.64 -4.35
N LEU A 22 -7.36 25.55 -3.67
CA LEU A 22 -8.28 24.93 -2.73
C LEU A 22 -7.66 24.90 -1.34
N ALA A 23 -8.52 25.03 -0.33
CA ALA A 23 -8.12 25.01 1.07
C ALA A 23 -8.27 23.63 1.70
N ILE A 24 -8.70 22.63 0.93
CA ILE A 24 -8.85 21.28 1.43
C ILE A 24 -7.51 20.79 1.96
N ASP A 25 -7.52 20.23 3.17
CA ASP A 25 -6.34 19.58 3.72
C ASP A 25 -6.52 18.08 3.54
N PRO A 26 -5.85 17.46 2.57
CA PRO A 26 -6.02 16.01 2.36
C PRO A 26 -5.33 15.17 3.41
N PHE A 27 -4.69 15.79 4.39
CA PHE A 27 -4.07 15.08 5.51
C PHE A 27 -4.76 15.38 6.83
N SER A 28 -5.95 15.96 6.80
CA SER A 28 -6.69 16.25 8.02
C SER A 28 -7.53 15.04 8.42
N LEU A 29 -7.79 14.93 9.72
CA LEU A 29 -8.60 13.82 10.22
C LEU A 29 -10.00 13.84 9.60
N ASP A 30 -10.58 15.02 9.42
CA ASP A 30 -11.91 15.08 8.81
C ASP A 30 -11.89 14.53 7.39
N PHE A 31 -10.83 14.80 6.63
CA PHE A 31 -10.70 14.25 5.30
C PHE A 31 -10.57 12.73 5.35
N PHE A 32 -9.68 12.22 6.22
CA PHE A 32 -9.51 10.77 6.34
C PHE A 32 -10.83 10.09 6.70
N ASP A 33 -11.62 10.73 7.57
CA ASP A 33 -12.84 10.12 8.06
C ASP A 33 -13.84 9.86 6.93
N ASP A 34 -13.86 10.75 5.94
CA ASP A 34 -14.73 10.55 4.78
C ASP A 34 -14.15 11.36 3.62
N PRO A 35 -13.28 10.77 2.81
CA PRO A 35 -12.57 11.54 1.79
C PRO A 35 -13.34 11.75 0.51
N TYR A 36 -14.46 11.07 0.32
CA TYR A 36 -15.05 10.97 -1.01
C TYR A 36 -15.62 12.28 -1.53
N PRO A 37 -16.38 13.05 -0.74
CA PRO A 37 -16.82 14.35 -1.25
C PRO A 37 -15.66 15.25 -1.63
N ASP A 38 -14.65 15.34 -0.77
CA ASP A 38 -13.50 16.20 -1.07
C ASP A 38 -12.74 15.70 -2.29
N GLN A 39 -12.63 14.38 -2.47
CA GLN A 39 -11.97 13.88 -3.67
C GLN A 39 -12.73 14.26 -4.94
N GLN A 40 -14.06 14.24 -4.89
CA GLN A 40 -14.80 14.73 -6.05
C GLN A 40 -14.55 16.21 -6.27
N THR A 41 -14.51 17.00 -5.20
CA THR A 41 -14.21 18.43 -5.34
C THR A 41 -12.85 18.62 -5.98
N LEU A 42 -11.85 17.83 -5.55
CA LEU A 42 -10.52 17.91 -6.14
C LEU A 42 -10.53 17.55 -7.62
N ARG A 43 -11.26 16.49 -8.00
CA ARG A 43 -11.34 16.12 -9.41
C ARG A 43 -12.05 17.19 -10.21
N ASP A 44 -13.18 17.69 -9.70
CA ASP A 44 -14.04 18.53 -10.53
C ASP A 44 -13.57 19.97 -10.58
N ALA A 45 -12.66 20.37 -9.71
CA ALA A 45 -12.14 21.74 -9.76
C ALA A 45 -11.26 21.95 -10.98
N GLY A 46 -10.62 20.90 -11.47
CA GLY A 46 -9.78 20.97 -12.64
C GLY A 46 -8.83 19.80 -12.68
N PRO A 47 -8.13 19.60 -13.80
CA PRO A 47 -7.16 18.50 -13.89
C PRO A 47 -5.98 18.68 -12.95
N VAL A 48 -5.65 19.92 -12.59
CA VAL A 48 -4.60 20.21 -11.64
C VAL A 48 -5.10 21.30 -10.71
N VAL A 49 -4.84 21.15 -9.41
CA VAL A 49 -5.25 22.14 -8.42
C VAL A 49 -4.02 22.54 -7.62
N TYR A 50 -4.13 23.64 -6.90
CA TYR A 50 -3.10 24.05 -5.96
C TYR A 50 -3.68 23.99 -4.55
N LEU A 51 -3.00 23.26 -3.67
CA LEU A 51 -3.45 23.07 -2.29
C LEU A 51 -2.72 24.09 -1.41
N ASP A 52 -3.42 25.18 -1.08
CA ASP A 52 -2.83 26.26 -0.31
C ASP A 52 -2.38 25.83 1.07
N LYS A 53 -2.98 24.78 1.63
CA LYS A 53 -2.62 24.35 2.97
C LYS A 53 -1.16 23.93 3.05
N TRP A 54 -0.62 23.35 1.98
CA TRP A 54 0.71 22.76 2.00
C TRP A 54 1.60 23.24 0.86
N ASN A 55 1.13 24.16 0.03
CA ASN A 55 1.91 24.67 -1.09
C ASN A 55 2.38 23.56 -2.02
N VAL A 56 1.44 22.74 -2.44
CA VAL A 56 1.71 21.65 -3.39
C VAL A 56 0.62 21.67 -4.45
N TYR A 57 0.96 21.15 -5.63
CA TYR A 57 -0.05 20.87 -6.64
C TYR A 57 -0.72 19.54 -6.32
N GLY A 58 -1.96 19.41 -6.75
CA GLY A 58 -2.70 18.17 -6.56
C GLY A 58 -3.28 17.68 -7.87
N VAL A 59 -3.27 16.36 -8.04
CA VAL A 59 -3.74 15.72 -9.27
C VAL A 59 -4.62 14.56 -8.85
N ALA A 60 -5.90 14.62 -9.21
CA ALA A 60 -6.88 13.67 -8.67
C ALA A 60 -7.68 12.91 -9.70
N ARG A 61 -7.66 13.29 -10.99
CA ARG A 61 -8.35 12.50 -11.99
C ARG A 61 -7.47 11.37 -12.47
N TYR A 62 -8.12 10.30 -12.94
CA TYR A 62 -7.40 9.11 -13.38
C TYR A 62 -6.37 9.43 -14.46
N ALA A 63 -6.79 10.10 -15.54
CA ALA A 63 -5.89 10.30 -16.67
C ALA A 63 -4.61 11.00 -16.25
N GLU A 64 -4.71 12.07 -15.48
CA GLU A 64 -3.52 12.84 -15.11
C GLU A 64 -2.68 12.09 -14.09
N VAL A 65 -3.31 11.41 -13.14
CA VAL A 65 -2.52 10.58 -12.20
C VAL A 65 -1.73 9.54 -12.98
N HIS A 66 -2.38 8.84 -13.90
CA HIS A 66 -1.69 7.83 -14.67
C HIS A 66 -0.56 8.43 -15.50
N ALA A 67 -0.80 9.59 -16.10
CA ALA A 67 0.23 10.22 -16.92
C ALA A 67 1.44 10.61 -16.08
N VAL A 68 1.21 11.20 -14.91
CA VAL A 68 2.33 11.61 -14.05
C VAL A 68 3.17 10.41 -13.64
N LEU A 69 2.50 9.34 -13.20
CA LEU A 69 3.23 8.15 -12.75
C LEU A 69 4.10 7.59 -13.86
N ASN A 70 3.69 7.75 -15.10
CA ASN A 70 4.41 7.21 -16.24
C ASN A 70 5.34 8.23 -16.89
N ASP A 71 5.64 9.33 -16.20
CA ASP A 71 6.53 10.38 -16.70
C ASP A 71 7.62 10.63 -15.67
N PRO A 72 8.45 9.62 -15.39
CA PRO A 72 9.41 9.73 -14.27
C PRO A 72 10.55 10.71 -14.51
N THR A 73 10.85 11.04 -15.77
CA THR A 73 11.95 11.99 -16.02
C THR A 73 11.59 13.41 -15.66
N THR A 74 10.30 13.73 -15.62
CA THR A 74 9.86 15.04 -15.15
C THR A 74 9.30 14.98 -13.74
N PHE A 75 8.53 13.95 -13.42
CA PHE A 75 7.94 13.83 -12.09
C PHE A 75 8.76 12.77 -11.36
N CYS A 76 9.84 13.23 -10.73
CA CYS A 76 10.83 12.31 -10.20
C CYS A 76 10.51 11.87 -8.78
N SER A 77 11.21 10.82 -8.36
CA SER A 77 11.09 10.24 -7.03
C SER A 77 12.33 10.48 -6.17
N SER A 78 13.45 10.91 -6.77
CA SER A 78 14.70 11.00 -6.03
C SER A 78 14.77 12.21 -5.10
N ARG A 79 13.82 13.13 -5.19
CA ARG A 79 13.71 14.21 -4.22
C ARG A 79 12.69 13.87 -3.13
N GLY A 80 12.31 12.60 -3.03
CA GLY A 80 11.38 12.15 -2.02
C GLY A 80 9.97 12.02 -2.58
N VAL A 81 9.24 11.03 -2.07
CA VAL A 81 7.85 10.83 -2.45
C VAL A 81 6.91 11.20 -1.32
N GLY A 82 7.44 11.83 -0.26
CA GLY A 82 6.64 12.55 0.70
C GLY A 82 6.64 14.03 0.38
N LEU A 83 6.06 14.82 1.30
CA LEU A 83 6.04 16.26 1.09
C LEU A 83 7.45 16.83 1.08
N SER A 84 8.32 16.33 1.95
CA SER A 84 9.65 16.90 2.08
C SER A 84 10.45 16.70 0.79
N ASP A 85 11.15 17.75 0.40
CA ASP A 85 12.01 17.76 -0.78
C ASP A 85 13.44 17.53 -0.30
N PHE A 86 14.04 16.41 -0.71
CA PHE A 86 15.37 16.07 -0.23
C PHE A 86 16.43 17.09 -0.64
N LYS A 87 16.16 17.93 -1.63
CA LYS A 87 17.11 19.01 -1.96
C LYS A 87 16.97 20.21 -1.04
N LYS A 88 15.96 20.24 -0.18
CA LYS A 88 15.76 21.34 0.76
C LYS A 88 15.92 20.91 2.21
N GLU A 89 15.53 19.69 2.56
CA GLU A 89 15.54 19.21 3.93
C GLU A 89 16.25 17.86 3.97
N LYS A 90 16.75 17.53 5.15
CA LYS A 90 17.38 16.22 5.35
C LYS A 90 16.30 15.15 5.48
N PRO A 91 16.44 14.02 4.79
CA PRO A 91 15.45 12.94 4.97
C PRO A 91 15.48 12.43 6.39
N TRP A 92 14.32 12.02 6.90
CA TRP A 92 14.26 11.55 8.29
C TRP A 92 15.03 10.26 8.51
N ARG A 93 15.26 9.49 7.46
CA ARG A 93 16.08 8.29 7.46
C ARG A 93 16.79 8.27 6.12
N PRO A 94 17.88 7.51 6.00
CA PRO A 94 18.58 7.44 4.71
C PRO A 94 17.60 7.08 3.60
N PRO A 95 17.72 7.72 2.43
CA PRO A 95 16.76 7.46 1.35
C PRO A 95 16.69 6.00 0.94
N SER A 96 15.48 5.56 0.61
CA SER A 96 15.30 4.26 0.00
C SER A 96 16.01 4.22 -1.35
N LEU A 97 16.75 3.15 -1.60
CA LEU A 97 17.49 2.96 -2.83
C LEU A 97 16.59 2.56 -3.98
N ILE A 98 15.33 2.26 -3.70
CA ILE A 98 14.40 1.89 -4.76
C ILE A 98 13.28 2.92 -4.87
N LEU A 99 12.56 3.18 -3.78
CA LEU A 99 11.42 4.09 -3.84
C LEU A 99 11.86 5.50 -4.17
N GLU A 100 12.97 5.94 -3.61
CA GLU A 100 13.42 7.33 -3.67
C GLU A 100 14.62 7.47 -4.60
N ALA A 101 14.59 6.71 -5.69
CA ALA A 101 15.62 6.74 -6.71
C ALA A 101 14.93 6.79 -8.07
N ASP A 102 15.56 7.42 -9.03
CA ASP A 102 15.10 7.43 -10.41
C ASP A 102 15.97 6.53 -11.25
N PRO A 103 15.51 6.09 -12.42
CA PRO A 103 16.42 5.42 -13.35
C PRO A 103 17.51 6.38 -13.77
N PRO A 104 18.76 5.92 -13.92
CA PRO A 104 19.19 4.53 -13.86
C PRO A 104 19.52 3.98 -12.47
N ALA A 105 19.69 4.82 -11.44
CA ALA A 105 20.05 4.30 -10.13
C ALA A 105 19.01 3.33 -9.59
N HIS A 106 17.75 3.53 -9.97
CA HIS A 106 16.64 2.67 -9.53
C HIS A 106 16.75 1.26 -10.09
N THR A 107 17.36 1.10 -11.26
CA THR A 107 17.10 -0.09 -12.07
C THR A 107 17.62 -1.38 -11.43
N ARG A 108 18.88 -1.38 -10.99
CA ARG A 108 19.42 -2.65 -10.48
C ARG A 108 18.84 -3.03 -9.13
N PRO A 109 18.67 -2.10 -8.18
CA PRO A 109 17.92 -2.45 -6.96
C PRO A 109 16.52 -2.96 -7.25
N ARG A 110 15.82 -2.33 -8.20
CA ARG A 110 14.51 -2.81 -8.60
C ARG A 110 14.59 -4.24 -9.13
N ALA A 111 15.60 -4.54 -9.96
CA ALA A 111 15.72 -5.88 -10.51
C ALA A 111 15.93 -6.91 -9.42
N VAL A 112 16.74 -6.57 -8.41
CA VAL A 112 16.95 -7.50 -7.30
C VAL A 112 15.64 -7.79 -6.58
N LEU A 113 14.89 -6.75 -6.21
CA LEU A 113 13.63 -7.01 -5.51
C LEU A 113 12.63 -7.74 -6.40
N SER A 114 12.66 -7.47 -7.71
N SER A 114 12.63 -7.43 -7.70
CA SER A 114 11.77 -8.16 -8.63
CA SER A 114 11.78 -8.17 -8.63
C SER A 114 12.11 -9.65 -8.75
C SER A 114 12.10 -9.67 -8.58
N LYS A 115 13.39 -10.01 -8.59
CA LYS A 115 13.78 -11.42 -8.58
C LYS A 115 13.52 -12.06 -7.21
N VAL A 116 13.78 -11.33 -6.13
CA VAL A 116 13.52 -11.87 -4.80
C VAL A 116 12.04 -12.15 -4.61
N LEU A 117 11.18 -11.29 -5.16
CA LEU A 117 9.73 -11.41 -5.02
C LEU A 117 9.10 -11.87 -6.34
N SER A 118 9.77 -12.77 -7.03
CA SER A 118 9.45 -13.14 -8.40
C SER A 118 8.32 -14.16 -8.46
N PRO A 119 7.74 -14.34 -9.65
CA PRO A 119 6.84 -15.48 -9.86
C PRO A 119 7.42 -16.79 -9.36
N ALA A 120 8.67 -17.08 -9.70
CA ALA A 120 9.27 -18.33 -9.23
C ALA A 120 9.28 -18.41 -7.70
N THR A 121 9.58 -17.30 -7.03
CA THR A 121 9.59 -17.32 -5.57
C THR A 121 8.20 -17.60 -5.00
N MET A 122 7.15 -17.11 -5.66
CA MET A 122 5.81 -17.34 -5.14
C MET A 122 5.51 -18.83 -5.01
N LYS A 123 6.06 -19.65 -5.90
CA LYS A 123 5.85 -21.10 -5.83
C LYS A 123 6.32 -21.63 -4.49
N THR A 124 7.41 -21.07 -3.95
CA THR A 124 8.02 -21.60 -2.73
C THR A 124 7.24 -21.22 -1.47
N ILE A 125 6.41 -20.20 -1.52
CA ILE A 125 5.67 -19.76 -0.34
C ILE A 125 4.18 -20.03 -0.42
N ARG A 126 3.66 -20.39 -1.59
CA ARG A 126 2.20 -20.43 -1.72
C ARG A 126 1.56 -21.45 -0.80
N ASP A 127 2.12 -22.66 -0.70
CA ASP A 127 1.45 -23.68 0.10
C ASP A 127 1.32 -23.23 1.55
N GLY A 128 2.39 -22.69 2.11
CA GLY A 128 2.35 -22.25 3.50
C GLY A 128 1.46 -21.04 3.70
N PHE A 129 1.49 -20.09 2.75
CA PHE A 129 0.62 -18.93 2.88
C PHE A 129 -0.85 -19.35 2.81
N ALA A 130 -1.18 -20.24 1.88
CA ALA A 130 -2.56 -20.72 1.76
C ALA A 130 -2.97 -21.51 2.98
N ALA A 131 -2.11 -22.40 3.46
CA ALA A 131 -2.45 -23.18 4.65
C ALA A 131 -2.67 -22.29 5.85
N ALA A 132 -1.85 -21.24 6.00
CA ALA A 132 -2.02 -20.36 7.15
C ALA A 132 -3.33 -19.59 7.06
N ALA A 133 -3.74 -19.21 5.84
CA ALA A 133 -5.01 -18.51 5.69
C ALA A 133 -6.18 -19.43 6.02
N ASP A 134 -6.16 -20.65 5.49
CA ASP A 134 -7.22 -21.62 5.81
C ASP A 134 -7.32 -21.83 7.30
N ALA A 135 -6.18 -22.05 7.97
CA ALA A 135 -6.20 -22.30 9.40
C ALA A 135 -6.74 -21.09 10.16
N LYS A 136 -6.34 -19.88 9.74
CA LYS A 136 -6.82 -18.69 10.44
C LYS A 136 -8.33 -18.56 10.33
N VAL A 137 -8.89 -18.78 9.14
CA VAL A 137 -10.33 -18.68 9.00
C VAL A 137 -11.04 -19.72 9.85
N ASP A 138 -10.55 -20.97 9.84
CA ASP A 138 -11.15 -21.98 10.71
C ASP A 138 -11.04 -21.59 12.18
N GLU A 139 -9.89 -21.05 12.60
CA GLU A 139 -9.75 -20.59 13.97
C GLU A 139 -10.79 -19.53 14.32
N LEU A 140 -10.95 -18.54 13.42
CA LEU A 140 -11.90 -17.46 13.68
C LEU A 140 -13.33 -17.96 13.71
N LEU A 141 -13.65 -18.96 12.89
CA LEU A 141 -15.00 -19.52 12.90
C LEU A 141 -15.33 -20.18 14.23
N GLN A 142 -14.32 -20.71 14.93
CA GLN A 142 -14.57 -21.27 16.26
C GLN A 142 -14.91 -20.19 17.27
N ARG A 143 -14.51 -18.94 17.01
CA ARG A 143 -14.84 -17.83 17.89
C ARG A 143 -16.16 -17.18 17.50
N GLY A 144 -16.47 -17.12 16.21
CA GLY A 144 -17.69 -16.52 15.73
C GLY A 144 -17.59 -15.01 15.61
N CYS A 145 -17.52 -14.32 16.74
CA CYS A 145 -17.45 -12.87 16.76
C CYS A 145 -16.01 -12.45 17.01
N ILE A 146 -15.42 -11.76 16.04
CA ILE A 146 -14.00 -11.43 16.05
C ILE A 146 -13.82 -9.99 15.57
N ASP A 147 -12.61 -9.48 15.74
CA ASP A 147 -12.23 -8.18 15.19
C ASP A 147 -11.43 -8.45 13.93
N ALA A 148 -12.00 -8.11 12.78
CA ALA A 148 -11.36 -8.45 11.51
C ALA A 148 -10.06 -7.68 11.28
N ILE A 149 -9.75 -6.68 12.09
CA ILE A 149 -8.43 -6.05 11.99
C ILE A 149 -7.44 -6.84 12.83
N ALA A 150 -7.49 -6.69 14.16
CA ALA A 150 -6.53 -7.37 15.02
C ALA A 150 -6.46 -8.87 14.74
N ASP A 151 -7.61 -9.53 14.62
CA ASP A 151 -7.66 -10.98 14.56
C ASP A 151 -7.49 -11.55 13.17
N LEU A 152 -7.48 -10.72 12.13
CA LEU A 152 -7.47 -11.25 10.76
C LEU A 152 -6.52 -10.43 9.88
N ALA A 153 -6.88 -9.18 9.61
CA ALA A 153 -6.07 -8.35 8.72
C ALA A 153 -4.65 -8.15 9.25
N GLU A 154 -4.49 -8.03 10.57
CA GLU A 154 -3.16 -7.98 11.16
C GLU A 154 -2.60 -9.36 11.45
N ALA A 155 -3.43 -10.23 12.06
CA ALA A 155 -2.88 -11.51 12.51
C ALA A 155 -2.35 -12.35 11.35
N TYR A 156 -3.06 -12.36 10.22
CA TYR A 156 -2.62 -13.23 9.13
C TYR A 156 -1.28 -12.78 8.55
N PRO A 157 -1.11 -11.54 8.10
CA PRO A 157 0.22 -11.14 7.61
C PRO A 157 1.31 -11.30 8.65
N LEU A 158 1.02 -11.03 9.93
CA LEU A 158 2.04 -11.26 10.95
C LEU A 158 2.43 -12.72 11.04
N SER A 159 1.52 -13.64 10.73
CA SER A 159 1.82 -15.07 10.82
C SER A 159 2.62 -15.60 9.65
N VAL A 160 2.73 -14.86 8.54
CA VAL A 160 3.40 -15.37 7.35
C VAL A 160 4.56 -14.49 6.88
N PHE A 161 4.41 -13.17 6.97
CA PHE A 161 5.37 -12.31 6.28
C PHE A 161 6.71 -12.21 7.02
N PRO A 162 6.71 -11.96 8.34
CA PRO A 162 8.00 -11.96 9.06
C PRO A 162 8.78 -13.25 8.85
N ASP A 163 8.09 -14.40 8.88
CA ASP A 163 8.75 -15.67 8.61
C ASP A 163 9.30 -15.73 7.19
N ALA A 164 8.51 -15.29 6.21
CA ALA A 164 8.98 -15.30 4.82
C ALA A 164 10.18 -14.38 4.63
N MET A 165 10.25 -13.29 5.39
CA MET A 165 11.43 -12.42 5.37
C MET A 165 12.64 -13.08 5.98
N GLY A 166 12.43 -14.07 6.84
CA GLY A 166 13.52 -14.66 7.60
C GLY A 166 13.88 -13.93 8.86
N LEU A 167 12.94 -13.16 9.44
CA LEU A 167 13.25 -12.43 10.66
C LEU A 167 13.31 -13.37 11.84
N LYS A 168 14.18 -13.04 12.80
CA LYS A 168 14.15 -13.76 14.06
C LYS A 168 12.86 -13.43 14.81
N GLN A 169 12.59 -14.19 15.87
CA GLN A 169 11.37 -13.96 16.65
C GLN A 169 11.46 -12.67 17.45
N GLU A 170 12.61 -12.40 18.06
CA GLU A 170 12.71 -11.28 18.99
C GLU A 170 12.58 -9.95 18.25
N GLY A 171 11.71 -9.09 18.76
CA GLY A 171 11.60 -7.72 18.28
C GLY A 171 10.49 -7.47 17.30
N ARG A 172 9.75 -8.50 16.88
CA ARG A 172 8.75 -8.32 15.83
C ARG A 172 7.66 -7.34 16.23
N GLU A 173 7.50 -7.08 17.53
CA GLU A 173 6.54 -6.08 17.98
C GLU A 173 6.85 -4.68 17.43
N HIS A 174 8.05 -4.45 16.92
CA HIS A 174 8.39 -3.16 16.33
C HIS A 174 7.95 -3.01 14.88
N LEU A 175 7.51 -4.10 14.22
CA LEU A 175 7.30 -4.04 12.77
C LEU A 175 6.15 -3.13 12.39
N LEU A 176 4.98 -3.32 13.01
CA LEU A 176 3.84 -2.48 12.66
C LEU A 176 4.06 -1.04 13.08
N PRO A 177 4.60 -0.78 14.28
CA PRO A 177 4.91 0.62 14.62
C PRO A 177 5.88 1.26 13.64
N TYR A 178 6.90 0.54 13.20
CA TYR A 178 7.84 1.11 12.23
C TYR A 178 7.13 1.46 10.93
N ALA A 179 6.28 0.55 10.43
CA ALA A 179 5.60 0.81 9.17
C ALA A 179 4.65 1.99 9.30
N GLY A 180 3.93 2.08 10.41
CA GLY A 180 3.05 3.23 10.61
C GLY A 180 3.84 4.53 10.55
N LEU A 181 5.03 4.53 11.16
CA LEU A 181 5.93 5.68 11.14
C LEU A 181 6.35 6.01 9.71
N VAL A 182 6.81 5.01 8.96
CA VAL A 182 7.23 5.25 7.58
C VAL A 182 6.12 5.93 6.80
N PHE A 183 4.91 5.39 6.91
CA PHE A 183 3.82 5.92 6.11
C PHE A 183 3.32 7.27 6.62
N ASN A 184 3.36 7.50 7.92
CA ASN A 184 3.06 8.85 8.40
C ASN A 184 4.12 9.86 7.97
N ALA A 185 5.36 9.42 7.83
CA ALA A 185 6.45 10.35 7.54
C ALA A 185 6.44 10.85 6.09
N PHE A 186 5.73 10.18 5.17
CA PHE A 186 5.56 10.76 3.85
C PHE A 186 4.63 11.95 3.86
N GLY A 187 3.84 12.11 4.91
CA GLY A 187 2.91 13.21 4.98
C GLY A 187 3.57 14.53 5.28
N PRO A 188 2.75 15.55 5.40
CA PRO A 188 3.23 16.86 5.79
C PRO A 188 3.57 16.85 7.27
N PRO A 189 4.26 17.88 7.75
CA PRO A 189 4.63 17.95 9.18
C PRO A 189 3.45 18.32 10.07
N ASN A 190 2.41 17.50 10.04
CA ASN A 190 1.27 17.63 10.95
C ASN A 190 1.53 16.82 12.23
N GLU A 191 0.53 16.76 13.10
CA GLU A 191 0.70 16.06 14.37
C GLU A 191 0.97 14.58 14.16
N LEU A 192 0.28 13.96 13.20
CA LEU A 192 0.53 12.55 12.92
C LEU A 192 1.99 12.31 12.59
N ARG A 193 2.58 13.17 11.76
CA ARG A 193 3.97 12.97 11.37
C ARG A 193 4.92 13.24 12.54
N GLN A 194 4.70 14.34 13.25
CA GLN A 194 5.63 14.70 14.32
C GLN A 194 5.59 13.68 15.44
N THR A 195 4.40 13.20 15.80
CA THR A 195 4.28 12.17 16.82
C THR A 195 4.94 10.86 16.36
N ALA A 196 4.84 10.54 15.07
CA ALA A 196 5.44 9.31 14.58
C ALA A 196 6.97 9.37 14.65
N ILE A 197 7.55 10.51 14.28
CA ILE A 197 9.01 10.58 14.21
C ILE A 197 9.62 10.73 15.59
N GLU A 198 8.96 11.47 16.47
CA GLU A 198 9.50 11.69 17.81
C GLU A 198 9.61 10.37 18.55
N ARG A 199 10.78 10.13 19.14
CA ARG A 199 11.04 8.91 19.90
C ARG A 199 10.84 7.65 19.07
N SER A 200 11.09 7.73 17.76
CA SER A 200 11.03 6.56 16.90
C SER A 200 12.33 5.76 16.88
N ALA A 201 13.38 6.26 17.53
CA ALA A 201 14.67 5.59 17.48
C ALA A 201 14.61 4.11 17.83
N PRO A 202 13.85 3.67 18.83
CA PRO A 202 13.83 2.23 19.13
C PRO A 202 13.30 1.39 17.97
N HIS A 203 12.29 1.89 17.25
CA HIS A 203 11.78 1.15 16.10
C HIS A 203 12.81 1.12 14.99
N GLN A 204 13.45 2.27 14.72
CA GLN A 204 14.49 2.31 13.71
C GLN A 204 15.65 1.38 14.06
N ALA A 205 16.04 1.36 15.33
CA ALA A 205 17.18 0.54 15.73
C ALA A 205 16.88 -0.94 15.50
N TYR A 206 15.68 -1.38 15.86
CA TYR A 206 15.30 -2.76 15.62
C TYR A 206 15.36 -3.10 14.14
N VAL A 207 14.69 -2.29 13.30
CA VAL A 207 14.62 -2.58 11.88
C VAL A 207 16.01 -2.59 11.26
N ASN A 208 16.80 -1.55 11.56
CA ASN A 208 18.12 -1.47 10.96
C ASN A 208 18.98 -2.67 11.36
N GLU A 209 18.85 -3.13 12.60
CA GLU A 209 19.62 -4.31 13.00
C GLU A 209 19.20 -5.55 12.21
N GLN A 210 17.89 -5.76 12.03
CA GLN A 210 17.44 -6.96 11.32
C GLN A 210 17.84 -6.94 9.85
N CYS A 211 18.18 -5.77 9.30
CA CYS A 211 18.57 -5.69 7.90
C CYS A 211 19.97 -6.22 7.66
N GLN A 212 20.77 -6.41 8.72
CA GLN A 212 22.12 -6.93 8.56
C GLN A 212 22.10 -8.42 8.31
N ARG A 213 22.99 -8.87 7.44
CA ARG A 213 22.97 -10.25 6.96
C ARG A 213 22.94 -11.31 8.05
N PRO A 214 23.71 -11.20 9.14
CA PRO A 214 23.69 -12.28 10.15
C PRO A 214 22.35 -12.50 10.81
N ASN A 215 21.42 -11.54 10.72
CA ASN A 215 20.15 -11.65 11.41
C ASN A 215 19.03 -12.23 10.55
N LEU A 216 19.31 -12.61 9.31
CA LEU A 216 18.29 -12.99 8.35
C LEU A 216 18.41 -14.47 8.02
N ALA A 217 17.34 -15.22 8.19
CA ALA A 217 17.39 -16.66 8.01
C ALA A 217 17.69 -17.01 6.56
N PRO A 218 18.65 -17.88 6.30
CA PRO A 218 18.89 -18.35 4.92
C PRO A 218 17.60 -18.84 4.30
N GLY A 219 17.41 -18.48 3.02
CA GLY A 219 16.23 -18.85 2.28
C GLY A 219 15.10 -17.84 2.32
N GLY A 220 15.07 -16.94 3.29
CA GLY A 220 14.05 -15.92 3.35
C GLY A 220 14.35 -14.76 2.43
N PHE A 221 13.39 -13.83 2.32
CA PHE A 221 13.56 -12.72 1.38
C PHE A 221 14.80 -11.91 1.72
N GLY A 222 15.03 -11.66 3.01
CA GLY A 222 16.15 -10.81 3.40
C GLY A 222 17.49 -11.41 3.04
N ALA A 223 17.68 -12.68 3.37
CA ALA A 223 18.92 -13.37 3.00
C ALA A 223 19.07 -13.44 1.49
N CYS A 224 17.96 -13.59 0.77
CA CYS A 224 18.05 -13.63 -0.69
CA CYS A 224 18.07 -13.63 -0.69
C CYS A 224 18.53 -12.30 -1.27
N ILE A 225 18.06 -11.18 -0.70
CA ILE A 225 18.58 -9.88 -1.11
C ILE A 225 20.09 -9.84 -0.94
N HIS A 226 20.58 -10.26 0.23
CA HIS A 226 22.02 -10.26 0.47
C HIS A 226 22.75 -11.18 -0.51
N ALA A 227 22.14 -12.30 -0.89
CA ALA A 227 22.78 -13.21 -1.84
C ALA A 227 23.02 -12.52 -3.18
N PHE A 228 22.17 -11.56 -3.54
CA PHE A 228 22.35 -10.87 -4.80
C PHE A 228 23.56 -9.94 -4.82
N THR A 229 24.19 -9.67 -3.66
CA THR A 229 25.39 -8.86 -3.68
C THR A 229 26.52 -9.54 -4.44
N ASP A 230 26.48 -10.87 -4.58
CA ASP A 230 27.50 -11.58 -5.33
C ASP A 230 27.42 -11.34 -6.82
N THR A 231 26.28 -10.89 -7.34
CA THR A 231 26.05 -10.84 -8.78
C THR A 231 26.51 -9.54 -9.42
N GLY A 232 26.85 -8.52 -8.63
CA GLY A 232 27.10 -7.21 -9.17
C GLY A 232 25.86 -6.36 -9.37
N GLU A 233 24.69 -6.86 -9.02
CA GLU A 233 23.50 -6.03 -9.16
C GLU A 233 23.41 -5.00 -8.04
N ILE A 234 23.80 -5.38 -6.82
CA ILE A 234 23.85 -4.47 -5.68
C ILE A 234 25.12 -4.77 -4.90
N THR A 235 25.66 -3.75 -4.25
CA THR A 235 26.82 -3.97 -3.40
C THR A 235 26.36 -4.42 -2.00
N PRO A 236 27.27 -5.00 -1.23
CA PRO A 236 26.92 -5.40 0.14
C PRO A 236 26.32 -4.29 0.97
N ASP A 237 26.77 -3.05 0.79
CA ASP A 237 26.22 -1.95 1.59
C ASP A 237 24.87 -1.46 1.10
N GLU A 238 24.41 -1.89 -0.09
CA GLU A 238 23.05 -1.60 -0.52
C GLU A 238 22.05 -2.60 0.02
N ALA A 239 22.49 -3.82 0.33
CA ALA A 239 21.54 -4.86 0.71
C ALA A 239 20.72 -4.52 1.95
N PRO A 240 21.31 -4.04 3.05
CA PRO A 240 20.47 -3.75 4.23
C PRO A 240 19.35 -2.75 3.94
N LEU A 241 19.61 -1.74 3.11
CA LEU A 241 18.58 -0.77 2.80
C LEU A 241 17.47 -1.39 1.94
N LEU A 242 17.80 -2.38 1.11
CA LEU A 242 16.77 -3.05 0.35
C LEU A 242 15.94 -4.00 1.22
N VAL A 243 16.57 -4.65 2.21
CA VAL A 243 15.80 -5.37 3.21
C VAL A 243 14.88 -4.40 3.93
N ARG A 244 15.40 -3.22 4.26
CA ARG A 244 14.60 -2.19 4.93
C ARG A 244 13.37 -1.84 4.11
N SER A 245 13.50 -1.78 2.79
CA SER A 245 12.34 -1.50 1.94
C SER A 245 11.24 -2.52 2.14
N LEU A 246 11.58 -3.82 2.18
CA LEU A 246 10.56 -4.84 2.37
C LEU A 246 9.92 -4.73 3.75
N LEU A 247 10.71 -4.42 4.78
CA LEU A 247 10.19 -4.27 6.13
C LEU A 247 9.38 -2.98 6.29
N SER A 248 9.60 -2.00 5.41
CA SER A 248 8.83 -0.76 5.46
C SER A 248 7.51 -0.93 4.72
N ALA A 249 7.55 -1.55 3.55
CA ALA A 249 6.47 -1.49 2.59
C ALA A 249 5.65 -2.77 2.50
N GLY A 250 6.07 -3.85 3.13
CA GLY A 250 5.48 -5.13 2.83
C GLY A 250 4.54 -5.71 3.86
N LEU A 251 4.34 -5.04 4.98
CA LEU A 251 3.47 -5.57 6.04
C LEU A 251 2.21 -4.74 6.22
N ASP A 252 2.34 -3.47 6.59
CA ASP A 252 1.17 -2.64 6.89
C ASP A 252 0.30 -2.41 5.67
N THR A 253 0.91 -2.36 4.48
CA THR A 253 0.13 -2.29 3.25
C THR A 253 -0.80 -3.49 3.14
N THR A 254 -0.27 -4.71 3.32
CA THR A 254 -1.11 -5.90 3.22
C THR A 254 -2.15 -5.95 4.33
N VAL A 255 -1.83 -5.47 5.53
CA VAL A 255 -2.83 -5.40 6.58
C VAL A 255 -4.03 -4.58 6.10
N ASN A 256 -3.75 -3.41 5.52
CA ASN A 256 -4.83 -2.56 5.07
C ASN A 256 -5.50 -3.08 3.81
N GLY A 257 -4.76 -3.79 2.96
CA GLY A 257 -5.40 -4.40 1.80
C GLY A 257 -6.37 -5.51 2.18
N ILE A 258 -5.93 -6.40 3.07
CA ILE A 258 -6.81 -7.47 3.52
C ILE A 258 -7.97 -6.91 4.32
N GLY A 259 -7.70 -5.95 5.21
CA GLY A 259 -8.79 -5.32 5.93
C GLY A 259 -9.80 -4.67 4.99
N ALA A 260 -9.31 -4.02 3.93
CA ALA A 260 -10.20 -3.41 2.94
C ALA A 260 -11.09 -4.48 2.31
N ALA A 261 -10.50 -5.61 1.92
CA ALA A 261 -11.28 -6.65 1.26
C ALA A 261 -12.36 -7.21 2.19
N VAL A 262 -12.00 -7.47 3.45
CA VAL A 262 -12.99 -7.97 4.40
C VAL A 262 -14.09 -6.93 4.63
N TYR A 263 -13.71 -5.66 4.75
CA TYR A 263 -14.70 -4.61 4.93
C TYR A 263 -15.64 -4.53 3.73
N CYS A 264 -15.09 -4.69 2.52
CA CYS A 264 -15.93 -4.72 1.33
C CYS A 264 -16.91 -5.89 1.36
N LEU A 265 -16.41 -7.08 1.70
CA LEU A 265 -17.30 -8.25 1.73
C LEU A 265 -18.35 -8.12 2.83
N ALA A 266 -18.00 -7.47 3.94
CA ALA A 266 -18.96 -7.26 5.02
C ALA A 266 -20.07 -6.29 4.61
N ARG A 267 -19.75 -5.31 3.78
CA ARG A 267 -20.72 -4.30 3.37
C ARG A 267 -21.50 -4.68 2.13
N PHE A 268 -20.96 -5.56 1.29
CA PHE A 268 -21.58 -5.96 0.02
C PHE A 268 -21.85 -7.46 0.08
N PRO A 269 -22.87 -7.89 0.82
CA PRO A 269 -23.11 -9.33 0.96
C PRO A 269 -23.39 -10.04 -0.34
N GLY A 270 -23.98 -9.35 -1.32
CA GLY A 270 -24.18 -9.96 -2.63
C GLY A 270 -22.88 -10.35 -3.29
N GLU A 271 -21.83 -9.56 -3.08
CA GLU A 271 -20.53 -9.89 -3.64
C GLU A 271 -19.86 -11.03 -2.88
N LEU A 272 -20.04 -11.09 -1.56
CA LEU A 272 -19.58 -12.28 -0.84
C LEU A 272 -20.25 -13.53 -1.38
N GLN A 273 -21.55 -13.45 -1.70
CA GLN A 273 -22.25 -14.62 -2.20
CA GLN A 273 -22.24 -14.62 -2.20
C GLN A 273 -21.71 -15.03 -3.57
N ARG A 274 -21.37 -14.05 -4.42
CA ARG A 274 -20.78 -14.41 -5.71
C ARG A 274 -19.41 -15.07 -5.51
N LEU A 275 -18.61 -14.55 -4.58
CA LEU A 275 -17.31 -15.14 -4.29
C LEU A 275 -17.46 -16.56 -3.76
N ARG A 276 -18.42 -16.80 -2.87
CA ARG A 276 -18.65 -18.16 -2.39
C ARG A 276 -18.97 -19.09 -3.55
N SER A 277 -19.77 -18.62 -4.50
CA SER A 277 -20.19 -19.50 -5.58
C SER A 277 -19.06 -19.78 -6.56
N ASP A 278 -18.06 -18.90 -6.65
CA ASP A 278 -16.89 -19.16 -7.48
C ASP A 278 -15.65 -18.65 -6.78
N PRO A 279 -15.04 -19.48 -5.93
CA PRO A 279 -13.84 -19.03 -5.20
C PRO A 279 -12.68 -18.64 -6.09
N THR A 280 -12.69 -19.01 -7.38
CA THR A 280 -11.62 -18.57 -8.25
C THR A 280 -11.70 -17.08 -8.54
N LEU A 281 -12.78 -16.43 -8.14
CA LEU A 281 -12.83 -14.97 -8.19
C LEU A 281 -12.05 -14.30 -7.07
N ALA A 282 -11.39 -15.06 -6.21
CA ALA A 282 -10.73 -14.48 -5.04
C ALA A 282 -9.69 -13.44 -5.44
N ARG A 283 -8.87 -13.75 -6.43
N ARG A 283 -8.85 -13.76 -6.42
CA ARG A 283 -7.79 -12.83 -6.80
CA ARG A 283 -7.80 -12.82 -6.81
C ARG A 283 -8.36 -11.51 -7.31
C ARG A 283 -8.39 -11.50 -7.28
N ASN A 284 -9.40 -11.56 -8.15
CA ASN A 284 -9.97 -10.32 -8.64
C ASN A 284 -10.79 -9.60 -7.57
N ALA A 285 -11.41 -10.34 -6.65
CA ALA A 285 -12.11 -9.69 -5.55
C ALA A 285 -11.14 -8.91 -4.68
N PHE A 286 -9.92 -9.43 -4.52
CA PHE A 286 -8.90 -8.68 -3.79
C PHE A 286 -8.45 -7.46 -4.57
N GLU A 287 -8.19 -7.63 -5.87
CA GLU A 287 -7.77 -6.50 -6.69
C GLU A 287 -8.81 -5.40 -6.66
N GLU A 288 -10.09 -5.77 -6.72
CA GLU A 288 -11.16 -4.79 -6.68
C GLU A 288 -11.23 -4.08 -5.34
N ALA A 289 -10.88 -4.78 -4.25
CA ALA A 289 -10.81 -4.12 -2.95
C ALA A 289 -9.69 -3.11 -2.91
N VAL A 290 -8.56 -3.42 -3.56
CA VAL A 290 -7.47 -2.45 -3.65
C VAL A 290 -7.91 -1.21 -4.42
N ARG A 291 -8.61 -1.39 -5.54
CA ARG A 291 -9.14 -0.22 -6.25
C ARG A 291 -10.13 0.54 -5.38
N PHE A 292 -11.09 -0.19 -4.78
CA PHE A 292 -12.25 0.43 -4.13
C PHE A 292 -11.84 1.22 -2.90
N GLU A 293 -10.98 0.65 -2.07
CA GLU A 293 -10.55 1.35 -0.86
C GLU A 293 -9.24 2.11 -1.05
N SER A 294 -8.37 1.65 -1.94
CA SER A 294 -7.07 2.24 -2.16
C SER A 294 -6.32 2.40 -0.84
N PRO A 295 -5.88 1.28 -0.24
CA PRO A 295 -5.22 1.35 1.06
C PRO A 295 -4.00 2.26 1.07
N VAL A 296 -3.27 2.36 -0.03
CA VAL A 296 -2.29 3.41 -0.22
C VAL A 296 -2.99 4.54 -0.96
N GLN A 297 -3.18 5.67 -0.29
CA GLN A 297 -4.03 6.72 -0.83
C GLN A 297 -3.30 7.71 -1.73
N THR A 298 -2.05 8.02 -1.41
CA THR A 298 -1.37 9.16 -2.00
C THR A 298 0.13 8.92 -2.01
N PHE A 299 0.79 9.62 -2.92
CA PHE A 299 2.23 9.86 -2.81
C PHE A 299 2.54 11.11 -3.62
N PHE A 300 3.76 11.59 -3.45
CA PHE A 300 4.22 12.79 -4.14
C PHE A 300 5.24 12.44 -5.21
N ARG A 301 5.41 13.38 -6.14
CA ARG A 301 6.54 13.48 -7.02
C ARG A 301 7.07 14.91 -6.93
N THR A 302 8.25 15.14 -7.48
CA THR A 302 8.84 16.47 -7.53
C THR A 302 9.20 16.77 -8.97
N THR A 303 8.83 17.93 -9.47
CA THR A 303 9.15 18.25 -10.86
C THR A 303 10.64 18.56 -11.01
N THR A 304 11.24 18.05 -12.07
CA THR A 304 12.64 18.30 -12.37
C THR A 304 12.83 19.45 -13.34
N ARG A 305 11.73 19.99 -13.86
CA ARG A 305 11.75 21.04 -14.85
C ARG A 305 10.35 21.63 -14.91
N GLU A 306 10.23 22.80 -15.53
CA GLU A 306 8.92 23.37 -15.78
C GLU A 306 8.14 22.43 -16.70
N VAL A 307 6.85 22.26 -16.41
CA VAL A 307 6.05 21.26 -17.12
C VAL A 307 4.59 21.68 -17.16
N GLU A 308 3.96 21.45 -18.30
CA GLU A 308 2.52 21.64 -18.46
C GLU A 308 1.80 20.33 -18.18
N LEU A 309 0.75 20.38 -17.37
CA LEU A 309 -0.05 19.20 -17.06
C LEU A 309 -1.51 19.61 -17.05
N GLY A 310 -2.31 19.01 -17.93
CA GLY A 310 -3.72 19.38 -18.02
C GLY A 310 -3.93 20.87 -18.19
N GLY A 311 -3.10 21.52 -19.00
CA GLY A 311 -3.22 22.94 -19.24
C GLY A 311 -2.58 23.84 -18.22
N ALA A 312 -2.15 23.30 -17.08
CA ALA A 312 -1.51 24.09 -16.03
C ALA A 312 0.00 23.97 -16.15
N VAL A 313 0.69 25.08 -15.91
CA VAL A 313 2.14 25.12 -15.99
C VAL A 313 2.70 25.06 -14.58
N ILE A 314 3.49 24.03 -14.30
CA ILE A 314 4.10 23.80 -13.00
C ILE A 314 5.59 24.08 -13.12
N GLY A 315 6.11 24.90 -12.23
CA GLY A 315 7.53 25.21 -12.26
C GLY A 315 8.38 24.04 -11.82
N GLU A 316 9.69 24.21 -11.99
CA GLU A 316 10.66 23.23 -11.54
C GLU A 316 10.69 23.17 -10.01
N GLY A 317 11.00 21.98 -9.49
CA GLY A 317 11.19 21.83 -8.07
C GLY A 317 9.92 21.94 -7.25
N GLU A 318 8.78 21.61 -7.83
CA GLU A 318 7.50 21.69 -7.14
C GLU A 318 7.06 20.29 -6.73
N LYS A 319 6.44 20.20 -5.57
CA LYS A 319 5.85 18.95 -5.12
C LYS A 319 4.46 18.80 -5.69
N VAL A 320 4.14 17.58 -6.14
CA VAL A 320 2.88 17.26 -6.79
C VAL A 320 2.32 16.04 -6.08
N LEU A 321 1.12 16.20 -5.54
CA LEU A 321 0.46 15.16 -4.75
C LEU A 321 -0.51 14.41 -5.64
N MET A 322 -0.33 13.09 -5.74
CA MET A 322 -1.16 12.23 -6.56
C MET A 322 -2.17 11.48 -5.70
N PHE A 323 -3.43 11.59 -6.06
CA PHE A 323 -4.53 10.99 -5.29
C PHE A 323 -4.91 9.67 -5.96
N LEU A 324 -4.26 8.58 -5.52
CA LEU A 324 -4.51 7.27 -6.11
C LEU A 324 -5.94 6.82 -5.85
N GLY A 325 -6.43 7.02 -4.63
CA GLY A 325 -7.79 6.60 -4.32
C GLY A 325 -8.81 7.33 -5.14
N SER A 326 -8.59 8.63 -5.38
CA SER A 326 -9.47 9.41 -6.25
C SER A 326 -9.41 8.92 -7.68
N ALA A 327 -8.19 8.68 -8.21
CA ALA A 327 -8.08 8.17 -9.57
C ALA A 327 -8.83 6.86 -9.71
N ASN A 328 -8.81 6.03 -8.66
CA ASN A 328 -9.47 4.73 -8.67
C ASN A 328 -10.97 4.82 -8.56
N ARG A 329 -11.52 6.01 -8.30
CA ARG A 329 -12.96 6.24 -8.25
C ARG A 329 -13.42 7.30 -9.24
N ASP A 330 -12.57 7.71 -10.17
CA ASP A 330 -12.91 8.79 -11.10
C ASP A 330 -13.98 8.29 -12.06
N PRO A 331 -15.18 8.90 -12.07
CA PRO A 331 -16.22 8.45 -13.02
C PRO A 331 -15.86 8.66 -14.47
N ARG A 332 -14.84 9.48 -14.77
CA ARG A 332 -14.38 9.61 -16.14
C ARG A 332 -13.83 8.29 -16.66
N ARG A 333 -13.30 7.46 -15.76
CA ARG A 333 -12.64 6.20 -16.10
C ARG A 333 -13.42 4.97 -15.70
N TRP A 334 -14.18 5.01 -14.60
CA TRP A 334 -14.80 3.82 -14.04
C TRP A 334 -16.30 3.92 -14.08
N SER A 335 -16.95 2.87 -14.58
N SER A 335 -16.95 2.87 -14.57
N SER A 335 -16.95 2.87 -14.57
CA SER A 335 -18.40 2.75 -14.48
CA SER A 335 -18.41 2.77 -14.47
CA SER A 335 -18.40 2.76 -14.47
C SER A 335 -18.75 2.35 -13.05
C SER A 335 -18.77 2.33 -13.06
C SER A 335 -18.78 2.32 -13.06
N ASP A 336 -19.79 2.96 -12.50
CA ASP A 336 -20.25 2.69 -11.14
C ASP A 336 -19.05 2.68 -10.18
N PRO A 337 -18.28 3.76 -10.14
CA PRO A 337 -17.01 3.72 -9.40
C PRO A 337 -17.17 3.44 -7.93
N ASP A 338 -18.32 3.79 -7.36
CA ASP A 338 -18.54 3.63 -5.94
C ASP A 338 -19.17 2.30 -5.58
N LEU A 339 -19.21 1.36 -6.53
CA LEU A 339 -19.69 0.01 -6.28
C LEU A 339 -18.50 -0.95 -6.24
N TYR A 340 -18.54 -1.89 -5.30
CA TYR A 340 -17.58 -2.98 -5.22
C TYR A 340 -18.10 -4.13 -6.08
N ASP A 341 -17.36 -4.47 -7.13
CA ASP A 341 -17.80 -5.45 -8.12
C ASP A 341 -16.65 -6.41 -8.37
N ILE A 342 -16.77 -7.63 -7.85
CA ILE A 342 -15.65 -8.57 -7.89
C ILE A 342 -15.35 -9.11 -9.28
N THR A 343 -16.23 -8.89 -10.27
CA THR A 343 -15.91 -9.24 -11.64
C THR A 343 -15.52 -8.03 -12.49
N ARG A 344 -15.34 -6.87 -11.88
CA ARG A 344 -14.92 -5.68 -12.62
C ARG A 344 -13.59 -5.94 -13.33
N LYS A 345 -13.44 -5.36 -14.51
CA LYS A 345 -12.15 -5.32 -15.17
C LYS A 345 -11.30 -4.29 -14.44
N THR A 346 -10.40 -4.76 -13.58
CA THR A 346 -9.64 -3.89 -12.69
C THR A 346 -8.34 -3.41 -13.28
N SER A 347 -7.87 -4.01 -14.38
N SER A 347 -7.88 -4.01 -14.37
N SER A 347 -7.87 -4.01 -14.38
CA SER A 347 -6.60 -3.62 -14.97
CA SER A 347 -6.60 -3.63 -14.95
CA SER A 347 -6.60 -3.62 -14.97
C SER A 347 -6.58 -2.12 -15.25
C SER A 347 -6.57 -2.13 -15.25
C SER A 347 -6.58 -2.12 -15.25
N GLY A 348 -5.50 -1.47 -14.84
CA GLY A 348 -5.35 -0.04 -14.98
C GLY A 348 -5.57 0.74 -13.71
N HIS A 349 -6.16 0.14 -12.67
CA HIS A 349 -6.25 0.86 -11.42
C HIS A 349 -4.84 1.16 -10.92
N VAL A 350 -4.71 2.21 -10.11
CA VAL A 350 -3.41 2.71 -9.67
C VAL A 350 -3.17 2.44 -8.17
N GLY A 351 -3.90 1.50 -7.58
CA GLY A 351 -3.70 1.17 -6.17
C GLY A 351 -2.33 0.62 -5.84
N PHE A 352 -1.64 0.03 -6.82
CA PHE A 352 -0.24 -0.39 -6.70
C PHE A 352 0.69 0.56 -7.42
N GLY A 353 0.19 1.73 -7.82
CA GLY A 353 0.97 2.62 -8.66
C GLY A 353 0.93 2.20 -10.11
N SER A 354 1.88 2.70 -10.88
CA SER A 354 1.94 2.45 -12.32
C SER A 354 3.30 2.87 -12.83
N GLY A 355 3.84 2.12 -13.78
CA GLY A 355 5.10 2.49 -14.38
C GLY A 355 6.29 1.91 -13.65
N VAL A 356 7.41 2.64 -13.65
CA VAL A 356 8.67 2.02 -13.25
C VAL A 356 8.68 1.65 -11.76
N HIS A 357 7.94 2.36 -10.93
CA HIS A 357 7.88 2.07 -9.50
C HIS A 357 6.69 1.22 -9.09
N MET A 358 5.89 0.75 -10.03
CA MET A 358 4.69 0.02 -9.66
C MET A 358 5.07 -1.11 -8.69
N CYS A 359 4.28 -1.25 -7.63
CA CYS A 359 4.64 -2.05 -6.47
C CYS A 359 5.41 -3.33 -6.81
N VAL A 360 6.67 -3.38 -6.41
CA VAL A 360 7.48 -4.56 -6.68
C VAL A 360 6.99 -5.75 -5.86
N GLY A 361 6.27 -5.50 -4.78
CA GLY A 361 5.71 -6.54 -3.93
C GLY A 361 4.32 -7.00 -4.32
N GLN A 362 3.84 -6.60 -5.50
CA GLN A 362 2.44 -6.86 -5.84
C GLN A 362 2.11 -8.35 -5.87
N LEU A 363 3.07 -9.22 -6.21
CA LEU A 363 2.75 -10.64 -6.23
C LEU A 363 2.58 -11.19 -4.82
N VAL A 364 3.37 -10.70 -3.86
CA VAL A 364 3.19 -11.10 -2.48
C VAL A 364 1.85 -10.59 -1.96
N ALA A 365 1.54 -9.33 -2.23
CA ALA A 365 0.26 -8.76 -1.80
C ALA A 365 -0.91 -9.54 -2.34
N ARG A 366 -0.88 -9.84 -3.64
CA ARG A 366 -1.98 -10.56 -4.27
C ARG A 366 -2.06 -11.99 -3.77
N LEU A 367 -0.91 -12.63 -3.53
CA LEU A 367 -0.94 -13.98 -2.98
C LEU A 367 -1.66 -14.00 -1.63
N GLU A 368 -1.25 -13.11 -0.73
CA GLU A 368 -1.89 -13.05 0.60
C GLU A 368 -3.38 -12.75 0.48
N GLY A 369 -3.74 -11.76 -0.34
CA GLY A 369 -5.15 -11.42 -0.47
C GLY A 369 -5.94 -12.55 -1.09
N GLU A 370 -5.41 -13.17 -2.15
CA GLU A 370 -6.12 -14.26 -2.81
C GLU A 370 -6.37 -15.41 -1.83
N VAL A 371 -5.34 -15.86 -1.13
CA VAL A 371 -5.53 -17.06 -0.32
C VAL A 371 -6.43 -16.79 0.86
N MET A 372 -6.41 -15.58 1.42
CA MET A 372 -7.34 -15.25 2.48
C MET A 372 -8.77 -15.21 1.96
N LEU A 373 -8.98 -14.55 0.82
CA LEU A 373 -10.34 -14.50 0.29
C LEU A 373 -10.82 -15.87 -0.17
N SER A 374 -9.90 -16.72 -0.64
CA SER A 374 -10.27 -18.09 -1.00
C SER A 374 -10.76 -18.85 0.22
N ALA A 375 -10.03 -18.75 1.33
CA ALA A 375 -10.45 -19.40 2.57
C ALA A 375 -11.81 -18.89 3.02
N LEU A 376 -12.03 -17.58 2.98
CA LEU A 376 -13.35 -17.06 3.32
C LEU A 376 -14.41 -17.59 2.36
N ALA A 377 -14.10 -17.60 1.07
CA ALA A 377 -15.07 -18.03 0.07
C ALA A 377 -15.53 -19.46 0.31
N ARG A 378 -14.64 -20.31 0.76
CA ARG A 378 -14.95 -21.72 0.93
C ARG A 378 -15.51 -22.05 2.30
N LYS A 379 -15.26 -21.22 3.31
CA LYS A 379 -15.57 -21.58 4.69
C LYS A 379 -16.62 -20.71 5.35
N VAL A 380 -16.91 -19.53 4.83
CA VAL A 380 -17.78 -18.57 5.51
C VAL A 380 -19.02 -18.33 4.66
N ALA A 381 -20.18 -18.32 5.33
CA ALA A 381 -21.46 -18.05 4.66
C ALA A 381 -21.90 -16.61 4.77
N ALA A 382 -21.50 -15.91 5.83
CA ALA A 382 -21.92 -14.55 6.04
C ALA A 382 -20.90 -13.83 6.90
N ILE A 383 -20.77 -12.52 6.67
CA ILE A 383 -19.91 -11.63 7.44
C ILE A 383 -20.76 -10.44 7.84
N ASP A 384 -21.06 -10.31 9.12
CA ASP A 384 -21.95 -9.27 9.62
C ASP A 384 -21.21 -8.38 10.61
N ILE A 385 -21.18 -7.08 10.32
CA ILE A 385 -20.63 -6.13 11.28
C ILE A 385 -21.50 -6.17 12.53
N ASP A 386 -20.87 -6.34 13.69
CA ASP A 386 -21.63 -6.51 14.92
C ASP A 386 -21.00 -5.80 16.11
N GLY A 387 -20.28 -4.71 15.86
CA GLY A 387 -19.75 -3.88 16.91
C GLY A 387 -19.29 -2.57 16.31
N PRO A 388 -18.83 -1.64 17.15
CA PRO A 388 -18.43 -0.33 16.64
C PRO A 388 -17.22 -0.43 15.72
N VAL A 389 -17.33 0.18 14.55
CA VAL A 389 -16.22 0.26 13.60
C VAL A 389 -15.42 1.52 13.90
N LYS A 390 -14.09 1.40 13.91
CA LYS A 390 -13.22 2.52 14.19
C LYS A 390 -12.20 2.65 13.07
N ARG A 391 -12.02 3.85 12.56
CA ARG A 391 -11.06 4.10 11.50
C ARG A 391 -9.68 4.37 12.09
N ARG A 392 -8.65 3.95 11.35
CA ARG A 392 -7.26 4.22 11.69
C ARG A 392 -6.77 5.36 10.80
N PHE A 393 -6.12 6.36 11.39
CA PHE A 393 -5.67 7.52 10.64
C PHE A 393 -4.18 7.45 10.39
N ASN A 394 -3.80 7.71 9.15
CA ASN A 394 -2.40 7.69 8.74
C ASN A 394 -2.28 8.63 7.56
N ASN A 395 -1.16 9.32 7.47
CA ASN A 395 -1.01 10.32 6.41
C ASN A 395 -1.04 9.71 5.02
N THR A 396 -0.72 8.42 4.87
CA THR A 396 -0.66 7.78 3.56
C THR A 396 -1.61 6.60 3.42
N LEU A 397 -1.85 5.86 4.48
CA LEU A 397 -2.64 4.63 4.41
C LEU A 397 -4.09 4.89 4.85
N ARG A 398 -5.01 4.21 4.19
CA ARG A 398 -6.43 4.21 4.55
C ARG A 398 -6.81 2.83 5.04
N GLY A 399 -7.44 2.77 6.21
CA GLY A 399 -7.89 1.49 6.74
C GLY A 399 -8.50 1.68 8.09
N LEU A 400 -8.90 0.54 8.67
CA LEU A 400 -9.63 0.53 9.93
C LEU A 400 -8.73 0.12 11.10
N GLU A 401 -9.07 0.65 12.27
CA GLU A 401 -8.49 0.25 13.54
C GLU A 401 -9.20 -0.97 14.13
N SER A 402 -10.52 -1.05 13.99
CA SER A 402 -11.29 -2.14 14.54
C SER A 402 -12.51 -2.38 13.66
N LEU A 403 -12.78 -3.66 13.38
CA LEU A 403 -13.89 -4.05 12.53
C LEU A 403 -14.53 -5.29 13.13
N PRO A 404 -15.38 -5.13 14.14
CA PRO A 404 -16.02 -6.30 14.77
C PRO A 404 -17.02 -6.92 13.81
N VAL A 405 -16.85 -8.22 13.55
CA VAL A 405 -17.75 -8.95 12.67
C VAL A 405 -18.11 -10.29 13.28
N LYS A 406 -19.31 -10.76 12.97
CA LYS A 406 -19.70 -12.13 13.21
C LYS A 406 -19.50 -12.92 11.93
N LEU A 407 -18.77 -14.02 12.01
CA LEU A 407 -18.58 -14.93 10.89
C LEU A 407 -19.51 -16.12 11.05
N THR A 408 -20.35 -16.36 10.05
CA THR A 408 -21.20 -17.54 10.05
C THR A 408 -20.55 -18.61 9.20
N PRO A 409 -20.42 -19.84 9.68
CA PRO A 409 -19.77 -20.88 8.89
C PRO A 409 -20.65 -21.31 7.72
N ALA A 410 -19.99 -21.72 6.65
CA ALA A 410 -20.68 -22.32 5.51
C ALA A 410 -21.24 -23.67 5.93
C01 QDB B . 3.76 6.65 -0.53
C02 QDB B . 2.90 5.59 -0.81
C03 QDB B . 3.36 4.29 -0.77
C04 QDB B . 4.68 3.98 -0.46
C05 QDB B . 5.52 5.06 -0.20
C06 QDB B . 5.08 6.38 -0.24
C07 QDB B . 5.22 2.56 -0.41
C09 QDB B . 6.61 2.28 -0.03
C10 QDB B . 7.14 2.72 1.19
C11 QDB B . 8.45 2.51 1.52
C12 QDB B . 9.32 1.88 0.62
C13 QDB B . 8.81 1.47 -0.58
C14 QDB B . 7.49 1.67 -0.91
C15 QDB B . 10.78 1.70 0.94
O08 QDB B . 4.47 1.69 -0.77
O16 QDB B . 11.49 1.46 -0.06
O17 QDB B . 11.17 1.89 2.10
H011 QDB B . 3.46 7.53 -0.56
H021 QDB B . 2.02 5.80 -1.01
H031 QDB B . 2.75 3.61 -0.96
H051 QDB B . 6.41 4.92 0.02
H061 QDB B . 5.65 7.08 -0.05
H101 QDB B . 6.60 3.14 1.81
H111 QDB B . 8.80 2.80 2.33
H131 QDB B . 9.37 1.06 -1.19
H141 QDB B . 7.17 1.39 -1.74
CHA HEM C . 5.78 0.38 -4.27
CHB HEM C . 1.20 -0.13 -2.90
CHC HEM C . 2.28 -4.39 -0.92
CHD HEM C . 6.95 -3.40 -1.50
C1A HEM C . 4.44 0.58 -4.13
C2A HEM C . 3.69 1.68 -4.69
C3A HEM C . 2.41 1.55 -4.31
C4A HEM C . 2.33 0.37 -3.48
CMA HEM C . 1.23 2.47 -4.67
CAA HEM C . 4.27 2.77 -5.62
CBA HEM C . 4.96 3.92 -4.90
CGA HEM C . 5.49 4.96 -5.87
O1A HEM C . 6.20 5.90 -5.39
O2A HEM C . 5.24 4.87 -7.09
C1B HEM C . 1.07 -1.35 -2.26
C2B HEM C . -0.16 -1.95 -1.81
C3B HEM C . 0.16 -3.12 -1.25
C4B HEM C . 1.58 -3.30 -1.35
CMB HEM C . -1.56 -1.31 -1.95
CAB HEM C . -0.76 -4.19 -0.62
CBB HEM C . -2.08 -4.26 -0.84
C1C HEM C . 3.65 -4.52 -0.93
C2C HEM C . 4.39 -5.67 -0.47
C3C HEM C . 5.70 -5.38 -0.63
C4C HEM C . 5.80 -4.07 -1.20
CMC HEM C . 3.74 -6.95 0.09
CAC HEM C . 6.92 -6.24 -0.31
CBC HEM C . 6.85 -7.50 0.14
C1D HEM C . 7.05 -2.28 -2.28
C2D HEM C . 8.28 -1.64 -2.72
C3D HEM C . 7.97 -0.60 -3.50
C4D HEM C . 6.53 -0.55 -3.57
CMD HEM C . 9.69 -2.13 -2.31
CAD HEM C . 8.91 0.37 -4.24
CBD HEM C . 9.02 -0.10 -5.71
CGD HEM C . 9.83 0.85 -6.56
O1D HEM C . 10.26 0.45 -7.68
O2D HEM C . 10.06 2.02 -6.12
NA HEM C . 3.59 -0.21 -3.38
NB HEM C . 2.13 -2.19 -1.97
NC HEM C . 4.54 -3.57 -1.39
ND HEM C . 5.98 -1.58 -2.82
FE HEM C . 4.03 -1.95 -2.47
CL CL D . 15.09 2.79 9.64
MG MG E . 19.02 8.91 11.72
MG MG F . 23.14 -12.45 16.81
#